data_3SWY
#
_entry.id   3SWY
#
_cell.length_a   36.750
_cell.length_b   37.650
_cell.length_c   49.580
_cell.angle_alpha   90.000
_cell.angle_beta   110.880
_cell.angle_gamma   90.000
#
_symmetry.space_group_name_H-M   'P 1 21 1'
#
loop_
_entity.id
_entity.type
_entity.pdbx_description
1 polymer 'Cyclic nucleotide-gated cation channel alpha-3'
2 water water
#
_entity_poly.entity_id   1
_entity_poly.type   'polypeptide(L)'
_entity_poly.pdbx_seq_one_letter_code
;GALEEKVEQLGSSLDTLQTRFARLLAEYNATQMKMKQRLSQLESQV
;
_entity_poly.pdbx_strand_id   A,B,C
#
# COMPACT_ATOMS: atom_id res chain seq x y z
N GLY A 1 -29.79 0.38 -15.91
CA GLY A 1 -30.49 0.71 -14.68
C GLY A 1 -29.57 0.76 -13.48
N ALA A 2 -30.12 0.51 -12.31
CA ALA A 2 -29.36 0.58 -11.06
C ALA A 2 -28.15 -0.34 -11.02
N LEU A 3 -28.29 -1.53 -11.57
CA LEU A 3 -27.22 -2.49 -11.53
C LEU A 3 -26.12 -2.14 -12.50
N GLU A 4 -26.50 -1.73 -13.69
CA GLU A 4 -25.54 -1.30 -14.68
C GLU A 4 -24.77 -0.08 -14.22
N GLU A 5 -25.44 0.80 -13.49
CA GLU A 5 -24.78 1.96 -12.89
C GLU A 5 -23.75 1.58 -11.83
N LYS A 6 -24.08 0.63 -10.97
CA LYS A 6 -23.17 0.27 -9.92
C LYS A 6 -21.97 -0.43 -10.50
N VAL A 7 -22.18 -1.30 -11.45
CA VAL A 7 -21.05 -1.94 -12.11
C VAL A 7 -20.12 -0.90 -12.75
N GLU A 8 -20.69 0.14 -13.35
CA GLU A 8 -19.87 1.19 -13.94
C GLU A 8 -19.06 1.92 -12.87
N GLN A 9 -19.71 2.26 -11.77
CA GLN A 9 -19.08 2.82 -10.61
C GLN A 9 -17.92 1.98 -10.10
N LEU A 10 -18.14 0.69 -9.98
CA LEU A 10 -17.12 -0.24 -9.50
C LEU A 10 -15.95 -0.31 -10.45
N GLY A 11 -16.25 -0.35 -11.74
CA GLY A 11 -15.23 -0.31 -12.77
C GLY A 11 -14.31 0.90 -12.59
N SER A 12 -14.89 2.08 -12.47
CA SER A 12 -14.06 3.28 -12.40
C SER A 12 -13.29 3.37 -11.07
N SER A 13 -13.94 2.95 -9.98
CA SER A 13 -13.28 2.88 -8.67
C SER A 13 -12.06 1.97 -8.65
N LEU A 14 -12.20 0.79 -9.24
CA LEU A 14 -11.12 -0.18 -9.32
C LEU A 14 -9.97 0.34 -10.17
N ASP A 15 -10.30 1.05 -11.25
CA ASP A 15 -9.27 1.64 -12.11
C ASP A 15 -8.46 2.66 -11.34
N THR A 16 -9.15 3.51 -10.60
CA THR A 16 -8.47 4.50 -9.77
C THR A 16 -7.54 3.82 -8.76
N LEU A 17 -8.06 2.81 -8.08
CA LEU A 17 -7.27 2.12 -7.04
C LEU A 17 -6.06 1.42 -7.63
N GLN A 18 -6.21 0.83 -8.82
CA GLN A 18 -5.08 0.19 -9.49
C GLN A 18 -3.94 1.18 -9.70
N THR A 19 -4.29 2.38 -10.16
CA THR A 19 -3.27 3.40 -10.44
C THR A 19 -2.59 3.86 -9.15
N ARG A 20 -3.39 4.11 -8.13
CA ARG A 20 -2.85 4.52 -6.84
C ARG A 20 -1.97 3.44 -6.21
N PHE A 21 -2.33 2.18 -6.41
CA PHE A 21 -1.51 1.10 -5.86
C PHE A 21 -0.17 1.04 -6.57
N ALA A 22 -0.19 1.17 -7.89
CA ALA A 22 1.02 1.18 -8.71
C ALA A 22 1.97 2.29 -8.26
N ARG A 23 1.42 3.47 -7.98
CA ARG A 23 2.22 4.60 -7.49
C ARG A 23 2.86 4.28 -6.15
N LEU A 24 2.08 3.73 -5.23
CA LEU A 24 2.60 3.47 -3.88
C LEU A 24 3.70 2.41 -3.91
N LEU A 25 3.46 1.32 -4.63
CA LEU A 25 4.45 0.26 -4.78
C LEU A 25 5.79 0.85 -5.27
N ALA A 26 5.74 1.61 -6.35
CA ALA A 26 6.95 2.22 -6.94
C ALA A 26 7.68 3.18 -6.00
N GLU A 27 6.93 4.03 -5.31
CA GLU A 27 7.57 4.96 -4.37
C GLU A 27 8.20 4.19 -3.22
N TYR A 28 7.41 3.27 -2.65
CA TYR A 28 7.87 2.45 -1.53
C TYR A 28 9.18 1.74 -1.88
N ASN A 29 9.23 1.08 -3.04
CA ASN A 29 10.45 0.45 -3.52
C ASN A 29 11.61 1.44 -3.67
N ALA A 30 11.31 2.66 -4.12
CA ALA A 30 12.36 3.65 -4.35
C ALA A 30 12.92 4.23 -3.06
N THR A 31 12.03 4.59 -2.15
CA THR A 31 12.45 5.22 -0.90
C THR A 31 13.16 4.24 0.03
N GLN A 32 12.77 3.00 -0.05
CA GLN A 32 13.31 1.93 0.74
C GLN A 32 14.84 1.76 0.47
N MET A 33 15.24 1.96 -0.77
CA MET A 33 16.63 1.91 -1.15
C MET A 33 17.45 2.95 -0.48
N LYS A 34 16.99 4.18 -0.52
CA LYS A 34 17.74 5.27 0.06
C LYS A 34 17.79 5.19 1.59
N MET A 35 16.71 4.74 2.20
CA MET A 35 16.65 4.59 3.64
C MET A 35 17.63 3.54 4.17
N LYS A 36 17.69 2.40 3.53
CA LYS A 36 18.62 1.34 3.86
C LYS A 36 20.04 1.80 3.65
N GLN A 37 20.30 2.53 2.57
CA GLN A 37 21.60 3.14 2.32
C GLN A 37 22.05 4.04 3.44
N ARG A 38 21.15 4.89 3.91
CA ARG A 38 21.45 5.83 4.99
C ARG A 38 21.69 5.14 6.33
N LEU A 39 20.86 4.16 6.66
CA LEU A 39 21.07 3.37 7.86
C LEU A 39 22.42 2.64 7.84
N SER A 40 22.71 1.95 6.75
CA SER A 40 23.94 1.21 6.59
C SER A 40 25.14 2.10 6.77
N GLN A 41 25.08 3.28 6.20
CA GLN A 41 26.12 4.29 6.35
C GLN A 41 26.37 4.65 7.80
N LEU A 42 25.31 4.96 8.52
CA LEU A 42 25.43 5.34 9.93
C LEU A 42 26.02 4.21 10.77
N GLU A 43 25.62 2.98 10.48
CA GLU A 43 26.02 1.80 11.24
C GLU A 43 27.48 1.47 11.03
N SER A 44 27.98 1.75 9.83
CA SER A 44 29.39 1.53 9.53
C SER A 44 30.25 2.58 10.23
N GLN A 45 29.60 3.68 10.54
CA GLN A 45 30.20 4.81 11.21
C GLN A 45 30.32 4.66 12.74
N VAL A 46 29.33 4.07 13.37
CA VAL A 46 29.27 3.93 14.83
C VAL A 46 29.96 2.66 15.32
N GLY B 1 -31.33 -11.28 -6.67
CA GLY B 1 -30.95 -12.33 -7.59
C GLY B 1 -29.45 -12.61 -7.57
N ALA B 2 -29.04 -13.63 -8.32
CA ALA B 2 -27.63 -14.03 -8.36
C ALA B 2 -26.69 -12.89 -8.74
N LEU B 3 -26.98 -12.19 -9.81
CA LEU B 3 -26.06 -11.15 -10.30
C LEU B 3 -25.95 -9.99 -9.32
N GLU B 4 -27.08 -9.56 -8.80
CA GLU B 4 -27.16 -8.49 -7.82
C GLU B 4 -26.24 -8.80 -6.67
N GLU B 5 -26.20 -10.05 -6.28
CA GLU B 5 -25.40 -10.46 -5.14
C GLU B 5 -23.89 -10.54 -5.42
N LYS B 6 -23.52 -10.91 -6.64
CA LYS B 6 -22.13 -10.87 -7.06
C LYS B 6 -21.62 -9.44 -7.09
N VAL B 7 -22.48 -8.54 -7.54
CA VAL B 7 -22.13 -7.12 -7.60
C VAL B 7 -22.03 -6.51 -6.20
N GLU B 8 -22.88 -6.95 -5.29
CA GLU B 8 -22.85 -6.59 -3.89
C GLU B 8 -21.54 -7.01 -3.26
N GLN B 9 -21.17 -8.25 -3.46
CA GLN B 9 -19.95 -8.78 -2.91
C GLN B 9 -18.72 -8.09 -3.51
N LEU B 10 -18.76 -7.77 -4.76
CA LEU B 10 -17.68 -7.05 -5.43
C LEU B 10 -17.52 -5.65 -4.82
N GLY B 11 -18.64 -4.95 -4.63
CA GLY B 11 -18.63 -3.63 -4.05
C GLY B 11 -18.11 -3.66 -2.63
N SER B 12 -18.48 -4.67 -1.88
CA SER B 12 -18.07 -4.71 -0.51
C SER B 12 -16.59 -5.08 -0.37
N SER B 13 -16.09 -6.02 -1.18
CA SER B 13 -14.66 -6.32 -1.24
C SER B 13 -13.80 -5.14 -1.67
N LEU B 14 -14.29 -4.38 -2.66
CA LEU B 14 -13.57 -3.20 -3.15
C LEU B 14 -13.53 -2.09 -2.12
N ASP B 15 -14.65 -1.88 -1.43
CA ASP B 15 -14.74 -0.89 -0.35
C ASP B 15 -13.75 -1.23 0.74
N THR B 16 -13.70 -2.51 1.12
CA THR B 16 -12.77 -2.92 2.18
C THR B 16 -11.32 -2.65 1.77
N LEU B 17 -10.97 -2.97 0.53
CA LEU B 17 -9.60 -2.78 0.05
C LEU B 17 -9.24 -1.30 -0.08
N GLN B 18 -10.17 -0.47 -0.53
CA GLN B 18 -9.94 0.98 -0.61
C GLN B 18 -9.65 1.58 0.76
N THR B 19 -10.41 1.14 1.74
CA THR B 19 -10.21 1.62 3.09
C THR B 19 -8.84 1.20 3.63
N ARG B 20 -8.48 -0.06 3.43
CA ARG B 20 -7.19 -0.59 3.81
C ARG B 20 -6.05 0.11 3.07
N PHE B 21 -6.22 0.36 1.79
CA PHE B 21 -5.17 1.02 1.01
C PHE B 21 -4.96 2.47 1.45
N ALA B 22 -6.06 3.18 1.69
CA ALA B 22 -6.01 4.56 2.17
C ALA B 22 -5.23 4.64 3.50
N ARG B 23 -5.49 3.72 4.41
CA ARG B 23 -4.75 3.72 5.67
C ARG B 23 -3.26 3.44 5.47
N LEU B 24 -2.91 2.48 4.60
CA LEU B 24 -1.49 2.16 4.39
C LEU B 24 -0.76 3.34 3.76
N LEU B 25 -1.41 3.97 2.78
CA LEU B 25 -0.83 5.13 2.13
C LEU B 25 -0.51 6.25 3.13
N ALA B 26 -1.48 6.56 4.00
CA ALA B 26 -1.31 7.61 4.99
C ALA B 26 -0.18 7.25 5.95
N GLU B 27 -0.16 6.00 6.40
CA GLU B 27 0.91 5.53 7.29
C GLU B 27 2.30 5.56 6.62
N TYR B 28 2.39 5.07 5.39
CA TYR B 28 3.62 5.15 4.62
C TYR B 28 4.14 6.59 4.56
N ASN B 29 3.30 7.52 4.12
CA ASN B 29 3.68 8.93 4.03
C ASN B 29 4.11 9.50 5.38
N ALA B 30 3.39 9.14 6.44
CA ALA B 30 3.72 9.60 7.78
C ALA B 30 5.07 9.08 8.27
N THR B 31 5.27 7.77 8.18
CA THR B 31 6.51 7.17 8.66
C THR B 31 7.74 7.57 7.81
N GLN B 32 7.54 7.91 6.56
CA GLN B 32 8.62 8.41 5.73
C GLN B 32 9.17 9.71 6.28
N MET B 33 8.27 10.58 6.70
CA MET B 33 8.65 11.83 7.33
C MET B 33 9.41 11.63 8.63
N LYS B 34 8.81 10.88 9.56
CA LYS B 34 9.43 10.60 10.85
C LYS B 34 10.83 10.00 10.66
N MET B 35 10.91 8.98 9.82
CA MET B 35 12.18 8.27 9.65
C MET B 35 13.26 9.15 9.03
N LYS B 36 12.91 9.96 8.07
CA LYS B 36 13.84 10.86 7.45
C LYS B 36 14.36 11.88 8.43
N GLN B 37 13.51 12.29 9.37
CA GLN B 37 13.90 13.24 10.40
C GLN B 37 14.84 12.58 11.40
N ARG B 38 14.53 11.34 11.78
CA ARG B 38 15.37 10.60 12.71
C ARG B 38 16.74 10.33 12.11
N LEU B 39 16.77 10.18 10.79
CA LEU B 39 18.02 9.95 10.08
C LEU B 39 18.85 11.23 10.03
N SER B 40 18.20 12.35 9.73
CA SER B 40 18.87 13.63 9.68
C SER B 40 19.52 13.97 11.02
N GLN B 41 18.81 13.71 12.10
CA GLN B 41 19.32 13.98 13.44
C GLN B 41 20.48 13.05 13.79
N LEU B 42 20.55 11.87 13.22
CA LEU B 42 21.65 11.01 13.50
C LEU B 42 22.82 11.38 12.68
N GLU B 43 22.56 11.83 11.48
CA GLU B 43 23.67 12.18 10.60
C GLU B 43 24.45 13.36 11.15
N SER B 44 23.75 14.31 11.76
CA SER B 44 24.37 15.47 12.32
C SER B 44 25.12 15.13 13.62
N GLN B 45 24.56 14.22 14.40
CA GLN B 45 25.11 13.83 15.68
C GLN B 45 26.42 13.07 15.54
N VAL B 46 26.58 12.34 14.44
CA VAL B 46 27.81 11.69 14.09
C VAL B 46 28.73 12.58 13.25
N GLY C 1 -24.47 -12.35 -20.67
CA GLY C 1 -24.50 -11.07 -21.34
C GLY C 1 -23.27 -10.23 -21.02
N ALA C 2 -23.21 -9.03 -21.58
CA ALA C 2 -22.04 -8.18 -21.42
C ALA C 2 -21.88 -7.70 -19.98
N LEU C 3 -23.00 -7.53 -19.27
CA LEU C 3 -22.93 -7.09 -17.88
C LEU C 3 -22.31 -8.14 -16.98
N GLU C 4 -22.77 -9.37 -17.12
CA GLU C 4 -22.30 -10.48 -16.33
C GLU C 4 -20.84 -10.74 -16.59
N GLU C 5 -20.43 -10.52 -17.82
CA GLU C 5 -19.03 -10.66 -18.20
C GLU C 5 -18.13 -9.55 -17.68
N LYS C 6 -18.63 -8.31 -17.62
CA LYS C 6 -17.85 -7.24 -17.02
C LYS C 6 -17.72 -7.50 -15.52
N VAL C 7 -18.79 -7.96 -14.91
CA VAL C 7 -18.76 -8.31 -13.49
C VAL C 7 -17.67 -9.36 -13.22
N GLU C 8 -17.60 -10.38 -14.06
CA GLU C 8 -16.62 -11.44 -13.88
C GLU C 8 -15.18 -10.95 -14.10
N GLN C 9 -14.99 -10.04 -15.05
CA GLN C 9 -13.68 -9.45 -15.27
C GLN C 9 -13.23 -8.61 -14.07
N LEU C 10 -14.17 -7.84 -13.52
CA LEU C 10 -13.88 -6.99 -12.36
C LEU C 10 -13.48 -7.83 -11.16
N GLY C 11 -14.21 -8.93 -10.94
CA GLY C 11 -13.91 -9.86 -9.86
C GLY C 11 -12.50 -10.42 -9.93
N SER C 12 -12.07 -10.80 -11.13
CA SER C 12 -10.74 -11.36 -11.34
C SER C 12 -9.66 -10.31 -11.08
N SER C 13 -9.90 -9.10 -11.57
CA SER C 13 -8.95 -8.00 -11.38
C SER C 13 -8.80 -7.62 -9.92
N LEU C 14 -9.93 -7.54 -9.22
CA LEU C 14 -9.92 -7.21 -7.79
C LEU C 14 -9.17 -8.27 -7.01
N ASP C 15 -9.41 -9.54 -7.34
CA ASP C 15 -8.79 -10.64 -6.60
C ASP C 15 -7.29 -10.59 -6.76
N THR C 16 -6.83 -10.35 -7.98
CA THR C 16 -5.41 -10.14 -8.24
C THR C 16 -4.84 -8.95 -7.43
N LEU C 17 -5.56 -7.84 -7.37
CA LEU C 17 -5.10 -6.67 -6.60
C LEU C 17 -5.09 -6.92 -5.09
N GLN C 18 -6.05 -7.70 -4.63
CA GLN C 18 -6.11 -8.06 -3.24
C GLN C 18 -4.86 -8.80 -2.80
N THR C 19 -4.41 -9.70 -3.65
CA THR C 19 -3.22 -10.50 -3.38
C THR C 19 -1.94 -9.65 -3.45
N ARG C 20 -1.84 -8.84 -4.49
CA ARG C 20 -0.74 -7.88 -4.58
C ARG C 20 -0.67 -6.92 -3.38
N PHE C 21 -1.83 -6.45 -2.91
CA PHE C 21 -1.85 -5.58 -1.73
C PHE C 21 -1.47 -6.30 -0.45
N ALA C 22 -1.91 -7.54 -0.29
CA ALA C 22 -1.54 -8.32 0.88
C ALA C 22 -0.02 -8.50 0.92
N ARG C 23 0.59 -8.69 -0.25
CA ARG C 23 2.04 -8.87 -0.34
C ARG C 23 2.73 -7.59 0.08
N LEU C 24 2.25 -6.47 -0.43
CA LEU C 24 2.86 -5.17 -0.13
C LEU C 24 2.74 -4.80 1.35
N LEU C 25 1.55 -4.97 1.90
CA LEU C 25 1.29 -4.63 3.29
C LEU C 25 2.17 -5.44 4.25
N ALA C 26 2.32 -6.72 3.94
CA ALA C 26 3.10 -7.63 4.76
C ALA C 26 4.56 -7.21 4.78
N GLU C 27 5.15 -7.00 3.63
CA GLU C 27 6.51 -6.55 3.58
C GLU C 27 6.72 -5.15 4.12
N TYR C 28 5.78 -4.26 3.95
CA TYR C 28 5.86 -2.93 4.56
C TYR C 28 5.94 -3.05 6.08
N ASN C 29 5.06 -3.85 6.67
CA ASN C 29 5.05 -4.00 8.11
C ASN C 29 6.35 -4.61 8.65
N ALA C 30 6.84 -5.66 7.97
CA ALA C 30 8.08 -6.33 8.35
C ALA C 30 9.30 -5.43 8.25
N THR C 31 9.42 -4.70 7.13
CA THR C 31 10.55 -3.80 6.98
C THR C 31 10.46 -2.59 7.92
N GLN C 32 9.27 -2.13 8.23
CA GLN C 32 9.09 -1.09 9.24
C GLN C 32 9.63 -1.46 10.64
N MET C 33 9.33 -2.66 11.09
CA MET C 33 9.83 -3.19 12.34
C MET C 33 11.34 -3.16 12.35
N LYS C 34 11.95 -3.65 11.30
CA LYS C 34 13.38 -3.73 11.22
C LYS C 34 14.02 -2.35 11.13
N MET C 35 13.41 -1.47 10.37
CA MET C 35 13.99 -0.12 10.26
C MET C 35 13.92 0.60 11.59
N LYS C 36 12.80 0.48 12.28
CA LYS C 36 12.65 1.09 13.58
C LYS C 36 13.70 0.61 14.59
N GLN C 37 13.89 -0.69 14.65
CA GLN C 37 14.87 -1.32 15.49
C GLN C 37 16.29 -0.80 15.18
N ARG C 38 16.63 -0.73 13.90
CA ARG C 38 17.94 -0.23 13.49
C ARG C 38 18.13 1.22 13.94
N LEU C 39 17.12 2.04 13.73
CA LEU C 39 17.16 3.43 14.19
C LEU C 39 17.34 3.52 15.70
N SER C 40 16.61 2.72 16.44
CA SER C 40 16.66 2.78 17.88
C SER C 40 18.01 2.28 18.42
N GLN C 41 18.60 1.28 17.80
CA GLN C 41 19.96 0.85 18.11
C GLN C 41 20.96 1.96 17.86
N LEU C 42 20.82 2.66 16.73
CA LEU C 42 21.75 3.75 16.39
C LEU C 42 21.64 4.90 17.39
N GLU C 43 20.40 5.24 17.76
CA GLU C 43 20.14 6.30 18.72
C GLU C 43 20.71 5.95 20.09
N SER C 44 20.61 4.67 20.47
CA SER C 44 21.15 4.20 21.74
C SER C 44 22.68 4.38 21.77
N GLN C 45 23.30 4.03 20.67
CA GLN C 45 24.72 4.17 20.48
C GLN C 45 25.17 5.63 20.29
N VAL C 46 24.26 6.52 19.96
CA VAL C 46 24.57 7.91 19.53
C VAL C 46 25.08 8.11 18.10
#